data_8CXO
#
_entry.id   8CXO
#
_cell.length_a   1.00
_cell.length_b   1.00
_cell.length_c   1.00
_cell.angle_alpha   90.00
_cell.angle_beta   90.00
_cell.angle_gamma   90.00
#
_symmetry.space_group_name_H-M   'P 1'
#
loop_
_entity.id
_entity.type
_entity.pdbx_description
1 polymer 'Smoothened homolog, GlgA glycogen synthase chimera'
2 non-polymer CHOLESTEROL
#
_entity_poly.entity_id   1
_entity_poly.type   'polypeptide(L)'
_entity_poly.pdbx_seq_one_letter_code
;WSHPQFEKENLYFQSPRLLSHCGRAAHCEPLRYNVCLGSALPYGATTTLLAGDSDSQEEAHGKLVLWSGLRNAPRCWAVI
QPLLCAVYMPKCENDRVELPSRTLCQATRGPCAIVERERGWPDFLRCTPDHFPEGCPNEVQNIKFNSSGQCEAPLVRTDN
PKSWYEDVEGCGIQCQNPLFTEAEHQDMHSYIAAFGAVTGLCTLFTLATFVADWRNSNRYPAVILFYVNACFFVGSIGWL
AQFMDGARREIVCRADGTMRFGEPTSSETLSCVIIFVIVYYALMAGVVWFVVLTYAWHTSFKALGTTYQPLSGKTSYFHL
LTWSLPFVLTVAILAVAQVDGDSVSGICFVGYKNYRYRAGFVLAPIGLVLIVGGYFLIRGVMTLFSIKSNHPGLLGIDCS
FWNESYLTGSRDERKKSLLSKFGMDEGVTFMFIGRFDRGQKGVDVLLKAIEILSSKKEFQEMRFIIIGKGDPELEGWARS
LEEKHGNVKVITEMLSREFVRELYGSVDFVIIPSYFEPFGLVALEAMCLGAIPIASAVGGLRDIITNETGILVKAGDPGE
LANAILKALELSRSDLSKFRENCKKRAMSFSDQARMDIRLAKNETMLRLGIFGFLAFGFVLITFSCHFYDFFNQAEWERS
FRDYVLCQANVTIGLPTKKPIPDCEIKNRPSLLVEKINLFAMFGTGIAMSTWVWTKATLLIWRRTWCRLTGHSDDEPKR
;
_entity_poly.pdbx_strand_id   A
#
# COMPACT_ATOMS: atom_id res chain seq x y z
N GLY A 149 -41.28 45.16 0.16
CA GLY A 149 -39.94 45.08 0.72
C GLY A 149 -39.87 44.31 2.02
N GLN A 150 -40.89 43.50 2.30
CA GLN A 150 -40.99 42.76 3.56
C GLN A 150 -40.65 41.30 3.33
N CYS A 151 -39.72 40.77 4.12
CA CYS A 151 -39.43 39.35 4.20
C CYS A 151 -39.32 38.96 5.66
N GLU A 152 -39.86 37.79 5.99
CA GLU A 152 -39.90 37.30 7.36
C GLU A 152 -38.71 36.38 7.61
N ALA A 153 -38.16 36.46 8.82
CA ALA A 153 -37.06 35.58 9.18
C ALA A 153 -37.53 34.13 9.09
N PRO A 154 -36.66 33.19 8.69
CA PRO A 154 -35.23 33.29 8.38
C PRO A 154 -34.92 33.81 6.97
N LEU A 155 -35.90 34.43 6.31
CA LEU A 155 -35.71 34.97 4.98
C LEU A 155 -35.45 36.47 5.04
N VAL A 156 -34.69 36.97 4.06
CA VAL A 156 -34.27 38.35 4.00
C VAL A 156 -34.56 38.90 2.61
N ARG A 157 -34.75 40.21 2.53
CA ARG A 157 -35.09 40.89 1.28
C ARG A 157 -33.83 41.18 0.48
N THR A 158 -33.88 40.87 -0.82
CA THR A 158 -32.78 41.15 -1.72
C THR A 158 -33.34 41.42 -3.10
N ASP A 159 -32.59 42.20 -3.88
CA ASP A 159 -32.95 42.50 -5.26
C ASP A 159 -32.36 41.52 -6.26
N ASN A 160 -31.67 40.48 -5.79
CA ASN A 160 -31.03 39.51 -6.67
C ASN A 160 -32.06 38.50 -7.19
N PRO A 161 -32.30 38.40 -8.50
CA PRO A 161 -33.23 37.37 -8.98
C PRO A 161 -32.73 35.95 -8.77
N LYS A 162 -31.43 35.75 -8.56
CA LYS A 162 -30.84 34.43 -8.39
C LYS A 162 -30.82 33.98 -6.93
N SER A 163 -31.21 34.85 -5.99
CA SER A 163 -31.21 34.52 -4.57
C SER A 163 -32.59 34.18 -4.04
N TRP A 164 -33.64 34.35 -4.84
CA TRP A 164 -35.00 34.19 -4.34
C TRP A 164 -35.34 32.73 -4.12
N TYR A 165 -36.13 32.47 -3.07
CA TYR A 165 -36.61 31.12 -2.76
C TYR A 165 -37.79 30.81 -3.65
N GLU A 166 -38.21 29.54 -3.65
CA GLU A 166 -38.88 28.86 -4.75
C GLU A 166 -39.87 29.73 -5.51
N ASP A 167 -40.86 30.28 -4.80
CA ASP A 167 -41.80 31.24 -5.37
C ASP A 167 -41.88 32.55 -4.57
N VAL A 168 -41.05 32.74 -3.55
CA VAL A 168 -41.13 33.94 -2.72
C VAL A 168 -40.29 35.03 -3.35
N GLU A 169 -40.90 35.78 -4.27
CA GLU A 169 -40.20 36.84 -4.98
C GLU A 169 -39.68 37.89 -4.00
N GLY A 170 -38.41 38.24 -4.15
CA GLY A 170 -37.76 39.24 -3.34
C GLY A 170 -37.08 38.71 -2.09
N CYS A 171 -37.48 37.53 -1.61
CA CYS A 171 -36.96 36.96 -0.38
C CYS A 171 -36.11 35.74 -0.66
N GLY A 172 -34.89 35.75 -0.13
CA GLY A 172 -34.02 34.59 -0.11
C GLY A 172 -33.73 34.15 1.32
N ILE A 173 -32.98 33.06 1.43
CA ILE A 173 -32.68 32.45 2.72
C ILE A 173 -31.47 33.16 3.30
N GLN A 174 -31.54 33.51 4.58
CA GLN A 174 -30.44 34.19 5.23
C GLN A 174 -29.23 33.27 5.31
N CYS A 175 -28.05 33.88 5.44
CA CYS A 175 -26.80 33.14 5.52
C CYS A 175 -26.60 32.68 6.96
N GLN A 176 -27.48 31.77 7.40
CA GLN A 176 -27.38 31.17 8.71
C GLN A 176 -28.25 29.93 8.74
N ASN A 177 -27.66 28.77 8.97
CA ASN A 177 -28.39 27.51 8.94
C ASN A 177 -29.56 27.56 9.92
N PRO A 178 -30.82 27.67 9.45
CA PRO A 178 -31.93 27.84 10.39
C PRO A 178 -32.17 26.65 11.31
N LEU A 179 -31.64 25.48 11.00
CA LEU A 179 -31.91 24.28 11.77
C LEU A 179 -31.01 24.12 12.98
N PHE A 180 -30.11 25.07 13.22
CA PHE A 180 -29.20 25.01 14.36
C PHE A 180 -29.12 26.38 15.03
N THR A 181 -28.90 26.36 16.35
CA THR A 181 -28.87 27.58 17.13
C THR A 181 -27.43 28.08 17.27
N GLU A 182 -27.29 29.27 17.88
CA GLU A 182 -25.98 29.90 17.95
C GLU A 182 -25.02 29.13 18.84
N ALA A 183 -25.54 28.55 19.93
CA ALA A 183 -24.66 27.88 20.89
C ALA A 183 -23.94 26.69 20.26
N GLU A 184 -24.66 25.88 19.49
CA GLU A 184 -24.03 24.74 18.83
C GLU A 184 -23.22 25.14 17.62
N HIS A 185 -23.50 26.31 17.02
CA HIS A 185 -22.60 26.84 16.00
C HIS A 185 -21.24 27.17 16.61
N GLN A 186 -21.24 27.82 17.77
CA GLN A 186 -19.97 28.12 18.44
C GLN A 186 -19.26 26.86 18.89
N ASP A 187 -20.02 25.85 19.31
CA ASP A 187 -19.40 24.58 19.72
C ASP A 187 -18.69 23.92 18.54
N MET A 188 -19.37 23.85 17.39
CA MET A 188 -18.76 23.23 16.22
C MET A 188 -17.55 24.01 15.75
N HIS A 189 -17.64 25.35 15.75
CA HIS A 189 -16.52 26.16 15.32
C HIS A 189 -15.33 26.00 16.26
N SER A 190 -15.59 25.95 17.56
CA SER A 190 -14.51 25.68 18.51
C SER A 190 -13.94 24.29 18.29
N TYR A 191 -14.80 23.30 18.02
CA TYR A 191 -14.35 21.94 17.78
C TYR A 191 -13.41 21.88 16.58
N ILE A 192 -13.78 22.57 15.50
CA ILE A 192 -12.95 22.55 14.29
C ILE A 192 -11.61 23.21 14.56
N ALA A 193 -11.62 24.30 15.33
CA ALA A 193 -10.39 25.04 15.59
C ALA A 193 -9.36 24.18 16.30
N ALA A 194 -9.80 23.36 17.26
CA ALA A 194 -8.86 22.55 18.03
C ALA A 194 -8.15 21.54 17.14
N PHE A 195 -8.91 20.78 16.34
CA PHE A 195 -8.28 19.78 15.48
C PHE A 195 -7.45 20.43 14.38
N GLY A 196 -7.95 21.53 13.81
CA GLY A 196 -7.22 22.19 12.74
C GLY A 196 -5.87 22.70 13.19
N ALA A 197 -5.83 23.33 14.36
CA ALA A 197 -4.55 23.83 14.87
C ALA A 197 -3.57 22.71 15.14
N VAL A 198 -4.05 21.61 15.73
CA VAL A 198 -3.16 20.50 16.06
C VAL A 198 -2.62 19.85 14.80
N THR A 199 -3.50 19.61 13.82
CA THR A 199 -3.06 18.98 12.58
C THR A 199 -2.07 19.86 11.84
N GLY A 200 -2.34 21.16 11.78
CA GLY A 200 -1.44 22.06 11.07
C GLY A 200 -0.05 22.08 11.66
N LEU A 201 0.03 22.21 12.99
CA LEU A 201 1.35 22.32 13.63
C LEU A 201 2.12 21.02 13.51
N CYS A 202 1.49 19.89 13.85
CA CYS A 202 2.22 18.62 13.86
C CYS A 202 2.59 18.19 12.45
N THR A 203 1.69 18.41 11.49
CA THR A 203 1.99 18.02 10.11
C THR A 203 3.13 18.85 9.56
N LEU A 204 3.15 20.14 9.87
CA LEU A 204 4.22 21.01 9.38
C LEU A 204 5.57 20.58 9.92
N PHE A 205 5.62 20.16 11.19
CA PHE A 205 6.88 19.73 11.79
C PHE A 205 7.46 18.54 11.03
N THR A 206 6.62 17.57 10.70
CA THR A 206 7.08 16.42 9.93
C THR A 206 7.62 16.84 8.57
N LEU A 207 6.94 17.76 7.89
CA LEU A 207 7.43 18.25 6.62
C LEU A 207 8.77 18.95 6.78
N ALA A 208 8.93 19.69 7.88
CA ALA A 208 10.21 20.34 8.15
C ALA A 208 11.32 19.31 8.36
N THR A 209 10.97 18.17 8.96
CA THR A 209 11.96 17.13 9.19
C THR A 209 12.52 16.57 7.88
N PHE A 210 11.64 16.32 6.91
CA PHE A 210 12.10 15.75 5.64
C PHE A 210 13.04 16.70 4.91
N VAL A 211 12.66 17.97 4.82
CA VAL A 211 13.46 18.93 4.06
C VAL A 211 14.72 19.37 4.80
N ALA A 212 14.81 19.09 6.11
CA ALA A 212 16.02 19.41 6.85
C ALA A 212 17.23 18.69 6.26
N ASP A 213 17.05 17.45 5.81
CA ASP A 213 18.11 16.63 5.22
C ASP A 213 17.61 16.01 3.92
N TRP A 214 17.07 16.87 3.04
CA TRP A 214 16.45 16.39 1.80
C TRP A 214 17.39 15.54 0.97
N ARG A 215 18.69 15.85 1.00
CA ARG A 215 19.65 15.09 0.21
C ARG A 215 19.66 13.61 0.58
N ASN A 216 19.54 13.31 1.87
CA ASN A 216 19.57 11.94 2.36
C ASN A 216 18.19 11.35 2.58
N SER A 217 17.20 12.18 2.91
CA SER A 217 15.85 11.70 3.19
C SER A 217 15.01 11.51 1.93
N ASN A 218 15.42 12.08 0.79
CA ASN A 218 14.64 11.99 -0.44
C ASN A 218 14.89 10.63 -1.07
N ARG A 219 14.24 9.61 -0.49
CA ARG A 219 14.30 8.24 -0.99
C ARG A 219 12.87 7.76 -1.18
N TYR A 220 12.53 7.42 -2.43
CA TYR A 220 11.17 7.22 -2.89
C TYR A 220 10.26 6.40 -1.98
N PRO A 221 10.63 5.17 -1.58
CA PRO A 221 9.69 4.38 -0.77
C PRO A 221 9.45 4.96 0.62
N ALA A 222 10.34 5.82 1.11
CA ALA A 222 10.22 6.40 2.45
C ALA A 222 9.66 7.81 2.46
N VAL A 223 9.32 8.38 1.29
CA VAL A 223 8.81 9.74 1.19
C VAL A 223 7.41 9.78 0.60
N ILE A 224 6.74 8.64 0.48
CA ILE A 224 5.34 8.66 0.10
C ILE A 224 4.53 9.39 1.15
N LEU A 225 4.84 9.16 2.42
CA LEU A 225 4.12 9.82 3.50
C LEU A 225 4.43 11.30 3.57
N PHE A 226 5.58 11.73 3.05
CA PHE A 226 5.89 13.16 3.01
C PHE A 226 4.85 13.91 2.19
N TYR A 227 4.49 13.37 1.03
CA TYR A 227 3.44 14.00 0.23
C TYR A 227 2.09 13.88 0.88
N VAL A 228 1.83 12.78 1.60
CA VAL A 228 0.57 12.64 2.33
C VAL A 228 0.45 13.75 3.37
N ASN A 229 1.52 13.98 4.13
CA ASN A 229 1.51 15.08 5.09
C ASN A 229 1.39 16.42 4.38
N ALA A 230 2.01 16.55 3.20
CA ALA A 230 1.86 17.78 2.43
C ALA A 230 0.41 18.01 2.03
N CYS A 231 -0.28 16.95 1.61
CA CYS A 231 -1.68 17.10 1.23
C CYS A 231 -2.54 17.53 2.42
N PHE A 232 -2.34 16.89 3.57
CA PHE A 232 -3.18 17.19 4.72
C PHE A 232 -2.85 18.55 5.32
N PHE A 233 -1.60 19.00 5.20
CA PHE A 233 -1.27 20.35 5.68
C PHE A 233 -2.05 21.41 4.91
N VAL A 234 -2.12 21.27 3.59
CA VAL A 234 -2.86 22.23 2.78
C VAL A 234 -4.34 22.20 3.15
N GLY A 235 -4.90 21.00 3.32
CA GLY A 235 -6.30 20.90 3.71
C GLY A 235 -6.57 21.60 5.04
N SER A 236 -5.68 21.41 6.01
CA SER A 236 -5.87 22.05 7.32
C SER A 236 -5.88 23.56 7.20
N ILE A 237 -4.97 24.12 6.39
CA ILE A 237 -4.96 25.57 6.20
C ILE A 237 -6.25 26.03 5.55
N GLY A 238 -6.79 25.24 4.64
CA GLY A 238 -8.07 25.58 4.04
C GLY A 238 -9.17 25.68 5.06
N TRP A 239 -9.26 24.70 5.95
CA TRP A 239 -10.27 24.73 7.01
C TRP A 239 -10.06 25.94 7.92
N LEU A 240 -8.82 26.20 8.31
CA LEU A 240 -8.54 27.26 9.28
C LEU A 240 -8.77 28.66 8.74
N ALA A 241 -8.99 28.83 7.43
CA ALA A 241 -9.17 30.16 6.87
C ALA A 241 -10.39 30.85 7.46
N GLN A 242 -11.41 30.09 7.87
CA GLN A 242 -12.65 30.69 8.34
C GLN A 242 -12.49 31.47 9.64
N PHE A 243 -11.39 31.27 10.37
CA PHE A 243 -11.20 31.88 11.68
C PHE A 243 -10.49 33.23 11.60
N MET A 244 -10.21 33.73 10.41
CA MET A 244 -9.79 35.12 10.25
C MET A 244 -11.00 36.03 10.40
N ASP A 245 -10.73 37.26 10.84
CA ASP A 245 -11.80 38.22 11.11
C ASP A 245 -12.65 38.46 9.86
N GLY A 246 -13.95 38.19 9.98
CA GLY A 246 -14.87 38.37 8.88
C GLY A 246 -14.84 37.28 7.83
N ALA A 247 -14.02 36.24 8.01
CA ALA A 247 -13.83 35.26 6.96
C ALA A 247 -15.10 34.48 6.69
N ARG A 248 -15.86 34.15 7.73
CA ARG A 248 -17.04 33.30 7.55
C ARG A 248 -18.07 33.98 6.66
N ARG A 249 -18.30 35.29 6.85
CA ARG A 249 -19.25 35.99 6.00
C ARG A 249 -18.71 36.12 4.58
N GLU A 250 -17.41 36.39 4.43
CA GLU A 250 -16.83 36.50 3.09
C GLU A 250 -16.79 35.17 2.37
N ILE A 251 -16.78 34.06 3.11
CA ILE A 251 -16.64 32.74 2.50
C ILE A 251 -18.00 32.10 2.23
N VAL A 252 -18.93 32.25 3.17
CA VAL A 252 -20.17 31.47 3.14
C VAL A 252 -21.33 32.30 2.59
N CYS A 253 -21.30 33.61 2.82
CA CYS A 253 -22.44 34.47 2.55
C CYS A 253 -22.23 35.29 1.29
N ARG A 254 -23.34 35.53 0.59
CA ARG A 254 -23.36 36.41 -0.55
C ARG A 254 -23.33 37.87 -0.10
N ALA A 255 -23.05 38.77 -1.03
CA ALA A 255 -22.97 40.19 -0.71
C ALA A 255 -24.29 40.71 -0.15
N ASP A 256 -25.41 40.14 -0.57
CA ASP A 256 -26.72 40.53 -0.09
C ASP A 256 -27.11 39.84 1.22
N GLY A 257 -26.20 39.05 1.80
CA GLY A 257 -26.45 38.40 3.07
C GLY A 257 -27.06 37.02 2.99
N THR A 258 -27.39 36.54 1.80
CA THR A 258 -28.02 35.24 1.64
C THR A 258 -26.96 34.13 1.56
N MET A 259 -27.43 32.89 1.67
CA MET A 259 -26.53 31.74 1.63
C MET A 259 -26.02 31.51 0.21
N ARG A 260 -24.73 31.26 0.10
CA ARG A 260 -24.12 30.95 -1.19
C ARG A 260 -24.46 29.53 -1.63
N PHE A 261 -24.83 29.39 -2.89
CA PHE A 261 -25.11 28.08 -3.46
C PHE A 261 -24.90 28.16 -4.96
N GLY A 262 -24.64 26.99 -5.56
CA GLY A 262 -24.46 26.94 -7.00
C GLY A 262 -23.24 27.66 -7.51
N GLU A 263 -22.21 27.81 -6.68
CA GLU A 263 -20.99 28.45 -7.16
C GLU A 263 -20.23 27.49 -8.08
N PRO A 264 -19.41 28.01 -9.00
CA PRO A 264 -19.07 29.42 -9.28
C PRO A 264 -20.14 30.16 -10.05
N THR A 265 -20.17 31.49 -9.90
CA THR A 265 -21.06 32.33 -10.66
C THR A 265 -20.39 33.69 -10.87
N SER A 266 -20.66 34.30 -12.02
CA SER A 266 -20.04 35.56 -12.37
C SER A 266 -20.53 36.73 -11.51
N SER A 267 -21.65 36.56 -10.81
CA SER A 267 -22.23 37.64 -10.01
C SER A 267 -21.65 37.72 -8.60
N GLU A 268 -20.75 36.82 -8.22
CA GLU A 268 -20.22 36.77 -6.86
C GLU A 268 -18.69 36.60 -6.92
N THR A 269 -18.06 36.70 -5.76
CA THR A 269 -16.62 36.68 -5.63
C THR A 269 -16.11 35.23 -5.57
N LEU A 270 -14.79 35.08 -5.51
CA LEU A 270 -14.12 33.79 -5.64
C LEU A 270 -13.82 33.12 -4.30
N SER A 271 -14.16 33.74 -3.18
CA SER A 271 -13.74 33.23 -1.87
C SER A 271 -14.29 31.83 -1.61
N CYS A 272 -15.55 31.59 -1.97
CA CYS A 272 -16.13 30.26 -1.74
C CYS A 272 -15.42 29.21 -2.57
N VAL A 273 -15.13 29.51 -3.84
CA VAL A 273 -14.48 28.53 -4.71
C VAL A 273 -13.06 28.26 -4.24
N ILE A 274 -12.34 29.29 -3.81
CA ILE A 274 -10.94 29.14 -3.43
C ILE A 274 -10.82 28.17 -2.26
N ILE A 275 -11.67 28.33 -1.25
CA ILE A 275 -11.63 27.43 -0.10
C ILE A 275 -12.04 26.02 -0.52
N PHE A 276 -13.04 25.90 -1.39
CA PHE A 276 -13.52 24.59 -1.80
C PHE A 276 -12.43 23.78 -2.50
N VAL A 277 -11.76 24.38 -3.48
CA VAL A 277 -10.75 23.65 -4.23
C VAL A 277 -9.56 23.29 -3.34
N ILE A 278 -9.20 24.17 -2.41
CA ILE A 278 -8.08 23.87 -1.53
C ILE A 278 -8.39 22.65 -0.67
N VAL A 279 -9.56 22.63 -0.04
CA VAL A 279 -9.90 21.53 0.85
C VAL A 279 -10.16 20.26 0.06
N TYR A 280 -10.98 20.35 -0.99
CA TYR A 280 -11.37 19.16 -1.74
C TYR A 280 -10.17 18.52 -2.43
N TYR A 281 -9.35 19.34 -3.09
CA TYR A 281 -8.15 18.80 -3.75
C TYR A 281 -7.22 18.17 -2.73
N ALA A 282 -7.05 18.83 -1.58
CA ALA A 282 -6.20 18.26 -0.53
C ALA A 282 -6.75 16.92 -0.05
N LEU A 283 -8.08 16.80 0.08
CA LEU A 283 -8.67 15.55 0.51
C LEU A 283 -8.41 14.44 -0.51
N MET A 284 -8.73 14.69 -1.78
CA MET A 284 -8.60 13.64 -2.78
C MET A 284 -7.15 13.36 -3.11
N ALA A 285 -6.28 14.38 -3.07
CA ALA A 285 -4.87 14.15 -3.30
C ALA A 285 -4.28 13.24 -2.22
N GLY A 286 -4.70 13.44 -0.97
CA GLY A 286 -4.17 12.63 0.11
C GLY A 286 -4.54 11.16 -0.02
N VAL A 287 -5.81 10.88 -0.30
CA VAL A 287 -6.25 9.48 -0.32
C VAL A 287 -5.72 8.77 -1.56
N VAL A 288 -5.41 9.50 -2.63
CA VAL A 288 -4.79 8.85 -3.77
C VAL A 288 -3.36 8.44 -3.43
N TRP A 289 -2.66 9.26 -2.65
CA TRP A 289 -1.36 8.84 -2.14
C TRP A 289 -1.47 7.62 -1.24
N PHE A 290 -2.60 7.48 -0.52
CA PHE A 290 -2.75 6.36 0.39
C PHE A 290 -2.71 5.03 -0.35
N VAL A 291 -3.42 4.92 -1.47
CA VAL A 291 -3.36 3.68 -2.23
C VAL A 291 -1.97 3.45 -2.78
N VAL A 292 -1.23 4.52 -3.07
CA VAL A 292 0.16 4.37 -3.48
C VAL A 292 0.98 3.84 -2.31
N LEU A 293 0.68 4.31 -1.09
CA LEU A 293 1.41 3.85 0.09
C LEU A 293 1.25 2.36 0.29
N THR A 294 0.02 1.84 0.16
CA THR A 294 -0.20 0.41 0.34
C THR A 294 0.46 -0.38 -0.78
N TYR A 295 0.38 0.12 -2.01
CA TYR A 295 1.00 -0.58 -3.13
C TYR A 295 2.51 -0.64 -2.95
N ALA A 296 3.13 0.45 -2.49
CA ALA A 296 4.56 0.43 -2.23
C ALA A 296 4.91 -0.61 -1.18
N TRP A 297 4.10 -0.69 -0.12
CA TRP A 297 4.32 -1.72 0.90
C TRP A 297 4.16 -3.11 0.32
N HIS A 298 3.17 -3.30 -0.55
CA HIS A 298 2.95 -4.60 -1.17
C HIS A 298 4.16 -5.03 -2.00
N THR A 299 4.74 -4.11 -2.75
CA THR A 299 5.90 -4.42 -3.59
C THR A 299 7.23 -4.34 -2.85
N SER A 300 7.26 -3.72 -1.65
CA SER A 300 8.52 -3.58 -0.95
C SER A 300 9.13 -4.92 -0.53
N PHE A 301 8.32 -5.99 -0.49
CA PHE A 301 8.84 -7.31 -0.16
C PHE A 301 9.66 -7.92 -1.29
N LYS A 302 9.76 -7.26 -2.45
CA LYS A 302 10.66 -7.70 -3.50
C LYS A 302 12.10 -7.24 -3.26
N ALA A 303 12.33 -6.42 -2.24
CA ALA A 303 13.67 -5.89 -1.95
C ALA A 303 14.42 -6.81 -1.00
N LEU A 304 14.50 -8.08 -1.39
CA LEU A 304 15.22 -9.10 -0.63
C LEU A 304 15.94 -10.01 -1.61
N GLY A 305 17.23 -10.23 -1.39
CA GLY A 305 18.01 -11.10 -2.23
C GLY A 305 18.46 -10.48 -3.54
N THR A 306 18.22 -9.19 -3.74
CA THR A 306 18.57 -8.51 -4.98
C THR A 306 19.15 -7.15 -4.64
N THR A 307 19.56 -6.42 -5.69
CA THR A 307 19.90 -5.02 -5.60
C THR A 307 18.90 -4.12 -6.30
N TYR A 308 18.01 -4.70 -7.12
CA TYR A 308 17.03 -3.92 -7.85
C TYR A 308 16.07 -3.22 -6.90
N GLN A 309 15.83 -1.93 -7.15
CA GLN A 309 14.89 -1.15 -6.35
C GLN A 309 13.54 -1.17 -7.04
N PRO A 310 12.51 -1.81 -6.47
CA PRO A 310 11.20 -1.79 -7.13
C PRO A 310 10.64 -0.38 -7.26
N LEU A 311 9.97 -0.13 -8.38
CA LEU A 311 9.34 1.14 -8.69
C LEU A 311 10.33 2.29 -8.84
N SER A 312 11.62 1.99 -8.99
CA SER A 312 12.60 3.05 -9.17
C SER A 312 12.35 3.83 -10.46
N GLY A 313 11.89 3.15 -11.50
CA GLY A 313 11.57 3.77 -12.77
C GLY A 313 10.16 4.26 -12.92
N LYS A 314 9.36 4.21 -11.86
CA LYS A 314 7.94 4.59 -11.90
C LYS A 314 7.63 5.79 -11.01
N THR A 315 8.65 6.50 -10.50
CA THR A 315 8.40 7.59 -9.57
C THR A 315 7.58 8.70 -10.22
N SER A 316 7.96 9.12 -11.43
CA SER A 316 7.18 10.14 -12.11
C SER A 316 5.83 9.60 -12.57
N TYR A 317 5.76 8.31 -12.85
CA TYR A 317 4.49 7.71 -13.29
C TYR A 317 3.43 7.85 -12.22
N PHE A 318 3.78 7.57 -10.96
CA PHE A 318 2.82 7.73 -9.87
C PHE A 318 2.44 9.20 -9.70
N HIS A 319 3.41 10.10 -9.78
CA HIS A 319 3.15 11.52 -9.55
C HIS A 319 2.12 12.07 -10.52
N LEU A 320 2.28 11.76 -11.81
CA LEU A 320 1.35 12.29 -12.82
C LEU A 320 -0.06 11.79 -12.58
N LEU A 321 -0.21 10.51 -12.25
CA LEU A 321 -1.54 9.98 -11.94
C LEU A 321 -2.04 10.51 -10.60
N THR A 322 -1.14 10.65 -9.62
CA THR A 322 -1.56 11.06 -8.29
C THR A 322 -2.15 12.47 -8.29
N TRP A 323 -1.50 13.41 -8.98
CA TRP A 323 -1.98 14.79 -8.97
C TRP A 323 -3.06 15.04 -10.01
N SER A 324 -3.05 14.31 -11.13
CA SER A 324 -3.98 14.58 -12.20
C SER A 324 -5.41 14.22 -11.80
N LEU A 325 -5.59 13.04 -11.21
CA LEU A 325 -6.94 12.55 -10.89
C LEU A 325 -7.75 13.50 -10.01
N PRO A 326 -7.24 13.98 -8.87
CA PRO A 326 -8.04 14.96 -8.11
C PRO A 326 -8.26 16.27 -8.83
N PHE A 327 -7.35 16.67 -9.71
CA PHE A 327 -7.57 17.88 -10.51
C PHE A 327 -8.76 17.70 -11.45
N VAL A 328 -8.86 16.52 -12.08
CA VAL A 328 -9.98 16.27 -12.98
C VAL A 328 -11.30 16.31 -12.23
N LEU A 329 -11.35 15.71 -11.05
CA LEU A 329 -12.58 15.73 -10.27
C LEU A 329 -12.94 17.14 -9.86
N THR A 330 -11.94 17.94 -9.47
CA THR A 330 -12.21 19.32 -9.08
C THR A 330 -12.81 20.12 -10.22
N VAL A 331 -12.27 19.95 -11.43
CA VAL A 331 -12.79 20.66 -12.59
C VAL A 331 -14.20 20.19 -12.90
N ALA A 332 -14.46 18.89 -12.76
CA ALA A 332 -15.79 18.36 -13.04
C ALA A 332 -16.84 18.98 -12.13
N ILE A 333 -16.51 19.20 -10.86
CA ILE A 333 -17.47 19.79 -9.93
C ILE A 333 -17.76 21.23 -10.33
N LEU A 334 -16.71 21.99 -10.63
CA LEU A 334 -16.90 23.38 -11.04
C LEU A 334 -17.70 23.48 -12.33
N ALA A 335 -17.54 22.50 -13.21
CA ALA A 335 -18.26 22.52 -14.48
C ALA A 335 -19.77 22.43 -14.31
N VAL A 336 -20.25 21.87 -13.19
CA VAL A 336 -21.67 21.70 -12.94
C VAL A 336 -22.19 22.67 -11.88
N ALA A 337 -21.32 23.51 -11.32
CA ALA A 337 -21.70 24.57 -10.37
C ALA A 337 -22.52 24.01 -9.21
N GLN A 338 -21.88 23.12 -8.45
CA GLN A 338 -22.50 22.48 -7.29
C GLN A 338 -21.72 22.76 -6.00
N VAL A 339 -20.95 23.84 -5.96
CA VAL A 339 -20.19 24.20 -4.76
C VAL A 339 -21.09 25.07 -3.90
N ASP A 340 -21.43 24.57 -2.70
CA ASP A 340 -22.36 25.21 -1.80
C ASP A 340 -21.69 25.51 -0.46
N GLY A 341 -22.12 26.61 0.17
CA GLY A 341 -21.61 26.97 1.47
C GLY A 341 -22.47 26.42 2.60
N ASP A 342 -21.87 26.36 3.80
CA ASP A 342 -22.57 25.90 4.99
C ASP A 342 -21.93 26.54 6.21
N SER A 343 -22.74 27.27 7.00
CA SER A 343 -22.22 27.94 8.17
C SER A 343 -21.81 26.98 9.28
N VAL A 344 -22.36 25.76 9.29
CA VAL A 344 -22.03 24.81 10.35
C VAL A 344 -20.56 24.41 10.24
N SER A 345 -20.13 24.03 9.04
CA SER A 345 -18.73 23.63 8.84
C SER A 345 -17.82 24.83 8.67
N GLY A 346 -18.34 25.91 8.09
CA GLY A 346 -17.56 27.10 7.84
C GLY A 346 -16.80 27.13 6.54
N ILE A 347 -17.01 26.16 5.64
CA ILE A 347 -16.37 26.13 4.34
C ILE A 347 -17.40 25.79 3.28
N CYS A 348 -17.03 26.05 2.02
CA CYS A 348 -17.81 25.57 0.89
C CYS A 348 -17.42 24.14 0.56
N PHE A 349 -18.40 23.36 0.11
CA PHE A 349 -18.20 21.94 -0.18
C PHE A 349 -19.28 21.50 -1.15
N VAL A 350 -19.21 20.24 -1.56
CA VAL A 350 -20.04 19.72 -2.64
C VAL A 350 -21.39 19.29 -2.11
N GLY A 351 -22.44 19.65 -2.86
CA GLY A 351 -23.72 18.97 -2.77
C GLY A 351 -24.48 19.14 -1.48
N TYR A 352 -24.41 20.31 -0.84
CA TYR A 352 -25.33 20.56 0.27
C TYR A 352 -26.75 20.74 -0.22
N LYS A 353 -26.93 21.34 -1.40
CA LYS A 353 -28.27 21.54 -1.94
C LYS A 353 -28.82 20.28 -2.62
N ASN A 354 -27.95 19.38 -3.07
CA ASN A 354 -28.38 18.16 -3.74
C ASN A 354 -27.46 17.03 -3.27
N TYR A 355 -28.03 16.08 -2.52
CA TYR A 355 -27.25 14.97 -2.00
C TYR A 355 -26.56 14.17 -3.09
N ARG A 356 -27.13 14.12 -4.30
CA ARG A 356 -26.63 13.22 -5.33
C ARG A 356 -25.21 13.60 -5.75
N TYR A 357 -24.89 14.89 -5.80
CA TYR A 357 -23.55 15.29 -6.19
C TYR A 357 -22.55 15.03 -5.08
N ARG A 358 -22.96 15.12 -3.81
CA ARG A 358 -22.05 14.80 -2.72
C ARG A 358 -21.71 13.31 -2.70
N ALA A 359 -22.70 12.46 -2.96
CA ALA A 359 -22.43 11.03 -3.06
C ALA A 359 -21.53 10.73 -4.24
N GLY A 360 -21.76 11.39 -5.38
CA GLY A 360 -21.01 11.08 -6.58
C GLY A 360 -19.55 11.46 -6.46
N PHE A 361 -19.26 12.65 -5.93
CA PHE A 361 -17.92 13.23 -5.99
C PHE A 361 -17.12 13.08 -4.70
N VAL A 362 -17.72 12.64 -3.60
CA VAL A 362 -17.03 12.48 -2.33
C VAL A 362 -17.12 11.03 -1.88
N LEU A 363 -18.33 10.52 -1.71
CA LEU A 363 -18.51 9.17 -1.19
C LEU A 363 -17.96 8.13 -2.16
N ALA A 364 -18.31 8.24 -3.43
CA ALA A 364 -17.87 7.24 -4.41
C ALA A 364 -16.36 7.16 -4.56
N PRO A 365 -15.62 8.26 -4.81
CA PRO A 365 -14.16 8.12 -4.92
C PRO A 365 -13.49 7.64 -3.65
N ILE A 366 -14.03 7.98 -2.48
CA ILE A 366 -13.44 7.49 -1.24
C ILE A 366 -13.65 5.99 -1.12
N GLY A 367 -14.80 5.49 -1.58
CA GLY A 367 -15.02 4.06 -1.56
C GLY A 367 -14.05 3.30 -2.43
N LEU A 368 -13.70 3.85 -3.60
CA LEU A 368 -12.83 3.13 -4.52
C LEU A 368 -11.41 3.01 -3.96
N VAL A 369 -10.89 4.07 -3.35
CA VAL A 369 -9.53 3.99 -2.81
C VAL A 369 -9.48 3.01 -1.65
N LEU A 370 -10.57 2.89 -0.89
CA LEU A 370 -10.61 1.88 0.17
C LEU A 370 -10.54 0.47 -0.40
N ILE A 371 -11.22 0.23 -1.53
CA ILE A 371 -11.17 -1.09 -2.15
C ILE A 371 -9.75 -1.40 -2.63
N VAL A 372 -9.13 -0.44 -3.32
CA VAL A 372 -7.77 -0.66 -3.82
C VAL A 372 -6.79 -0.76 -2.68
N GLY A 373 -6.88 0.13 -1.70
CA GLY A 373 -5.97 0.09 -0.57
C GLY A 373 -6.10 -1.19 0.22
N GLY A 374 -7.34 -1.67 0.40
CA GLY A 374 -7.53 -2.95 1.07
C GLY A 374 -6.91 -4.10 0.31
N TYR A 375 -7.08 -4.10 -1.02
CA TYR A 375 -6.56 -5.19 -1.84
C TYR A 375 -5.06 -5.35 -1.68
N PHE A 376 -4.32 -4.25 -1.78
CA PHE A 376 -2.86 -4.34 -1.62
C PHE A 376 -2.49 -4.67 -0.18
N LEU A 377 -3.21 -4.11 0.79
CA LEU A 377 -2.91 -4.42 2.19
C LEU A 377 -3.11 -5.91 2.48
N ILE A 378 -4.17 -6.50 1.94
CA ILE A 378 -4.45 -7.91 2.19
C ILE A 378 -3.32 -8.78 1.63
N ARG A 379 -2.89 -8.49 0.41
CA ARG A 379 -1.80 -9.25 -0.19
C ARG A 379 -0.51 -9.06 0.59
N GLY A 380 -0.29 -7.85 1.11
CA GLY A 380 0.88 -7.62 1.94
C GLY A 380 0.87 -8.45 3.20
N VAL A 381 -0.31 -8.63 3.80
CA VAL A 381 -0.41 -9.45 5.00
C VAL A 381 -0.09 -10.91 4.68
N MET A 382 -0.63 -11.41 3.57
CA MET A 382 -0.37 -12.80 3.20
C MET A 382 1.11 -13.04 2.97
N THR A 383 1.80 -12.08 2.37
CA THR A 383 3.25 -12.17 2.22
C THR A 383 3.93 -12.17 3.58
N LEU A 384 3.61 -11.21 4.44
CA LEU A 384 4.31 -11.07 5.71
C LEU A 384 4.01 -12.25 6.63
N PHE A 385 2.76 -12.70 6.67
CA PHE A 385 2.43 -13.87 7.49
C PHE A 385 3.07 -15.13 6.92
N SER A 386 3.12 -15.24 5.59
CA SER A 386 3.75 -16.41 4.98
C SER A 386 5.23 -16.47 5.32
N ILE A 387 5.89 -15.31 5.41
CA ILE A 387 7.31 -15.28 5.76
C ILE A 387 7.51 -15.79 7.18
N LYS A 388 6.77 -15.24 8.14
CA LYS A 388 7.00 -15.58 9.54
C LYS A 388 6.69 -17.05 9.81
N SER A 389 5.70 -17.61 9.14
CA SER A 389 5.39 -19.01 9.35
C SER A 389 6.52 -19.90 8.83
N ASN A 390 7.02 -19.61 7.63
CA ASN A 390 7.99 -20.49 6.98
C ASN A 390 9.42 -20.07 7.22
N HIS A 391 9.74 -18.78 7.05
CA HIS A 391 11.12 -18.29 7.16
C HIS A 391 11.14 -17.06 8.06
N PRO A 392 10.75 -17.21 9.32
CA PRO A 392 10.85 -16.07 10.25
C PRO A 392 12.30 -15.72 10.48
N GLY A 393 12.53 -14.46 10.83
CA GLY A 393 13.88 -14.01 11.04
C GLY A 393 14.67 -13.79 9.78
N LEU A 394 14.00 -13.65 8.63
CA LEU A 394 14.65 -13.27 7.38
C LEU A 394 14.98 -11.78 7.41
N LEU A 395 15.85 -11.43 8.37
CA LEU A 395 16.02 -10.08 8.86
C LEU A 395 17.50 -9.87 9.17
N GLY A 396 17.83 -8.87 10.00
CA GLY A 396 19.09 -8.18 9.90
C GLY A 396 20.34 -9.00 10.10
N ILE A 397 20.29 -10.15 10.79
CA ILE A 397 21.50 -10.94 10.96
C ILE A 397 21.32 -12.34 10.37
N ASP A 398 20.75 -13.28 11.13
CA ASP A 398 20.13 -14.51 10.64
C ASP A 398 19.57 -15.26 11.85
N CYS A 399 18.26 -15.49 11.93
CA CYS A 399 17.80 -16.37 13.00
C CYS A 399 16.44 -17.01 12.68
N SER A 400 16.46 -18.25 12.22
CA SER A 400 15.24 -18.92 11.79
C SER A 400 15.26 -20.39 12.18
N PHE A 401 14.33 -21.16 11.61
CA PHE A 401 14.44 -22.62 11.66
C PHE A 401 15.76 -23.09 11.08
N TRP A 402 16.34 -22.30 10.17
CA TRP A 402 17.74 -22.46 9.77
C TRP A 402 18.66 -21.72 10.74
N ASN A 403 19.78 -22.36 11.08
CA ASN A 403 20.89 -21.69 11.73
C ASN A 403 22.15 -22.49 11.43
N GLU A 404 23.30 -21.80 11.42
CA GLU A 404 24.55 -22.47 11.12
C GLU A 404 24.85 -23.58 12.12
N SER A 405 24.42 -23.44 13.37
CA SER A 405 24.72 -24.42 14.40
C SER A 405 23.81 -25.63 14.35
N TYR A 406 22.72 -25.61 13.58
CA TYR A 406 21.77 -26.71 13.60
C TYR A 406 22.28 -27.94 12.86
N LEU A 407 23.09 -27.75 11.82
CA LEU A 407 23.63 -28.84 11.03
C LEU A 407 25.09 -29.05 11.38
N THR A 408 25.50 -30.32 11.43
CA THR A 408 26.84 -30.72 11.85
C THR A 408 27.56 -31.44 10.71
N GLY A 409 28.88 -31.50 10.83
CA GLY A 409 29.69 -32.18 9.85
C GLY A 409 29.98 -31.34 8.63
N SER A 410 30.70 -31.93 7.69
CA SER A 410 31.06 -31.27 6.44
C SER A 410 29.97 -31.48 5.40
N ARG A 411 30.12 -30.79 4.27
CA ARG A 411 29.18 -30.95 3.17
C ARG A 411 29.19 -32.37 2.65
N ASP A 412 30.38 -32.96 2.48
CA ASP A 412 30.48 -34.31 1.93
C ASP A 412 29.96 -35.34 2.93
N GLU A 413 30.25 -35.15 4.22
CA GLU A 413 29.82 -36.12 5.22
C GLU A 413 28.30 -36.23 5.27
N ARG A 414 27.61 -35.08 5.24
CA ARG A 414 26.15 -35.11 5.23
C ARG A 414 25.64 -35.72 3.93
N LYS A 415 26.28 -35.41 2.80
CA LYS A 415 25.87 -35.97 1.53
C LYS A 415 25.99 -37.49 1.54
N LYS A 416 27.11 -38.01 2.05
CA LYS A 416 27.28 -39.45 2.11
C LYS A 416 26.23 -40.11 3.00
N SER A 417 25.89 -39.46 4.12
CA SER A 417 24.88 -39.99 5.01
C SER A 417 23.52 -40.06 4.31
N LEU A 418 23.13 -38.98 3.65
CA LEU A 418 21.84 -38.96 2.96
C LEU A 418 21.80 -39.99 1.83
N LEU A 419 22.88 -40.06 1.04
CA LEU A 419 22.93 -40.99 -0.07
C LEU A 419 22.85 -42.44 0.42
N SER A 420 23.50 -42.72 1.56
CA SER A 420 23.40 -44.05 2.15
C SER A 420 21.95 -44.37 2.51
N LYS A 421 21.24 -43.39 3.09
CA LYS A 421 19.85 -43.61 3.44
C LYS A 421 18.99 -43.90 2.22
N PHE A 422 19.30 -43.27 1.09
CA PHE A 422 18.56 -43.48 -0.15
C PHE A 422 19.13 -44.61 -0.99
N GLY A 423 20.16 -45.30 -0.52
CA GLY A 423 20.76 -46.37 -1.30
C GLY A 423 21.50 -45.89 -2.52
N MET A 424 22.09 -44.70 -2.47
CA MET A 424 22.81 -44.10 -3.58
C MET A 424 24.28 -43.96 -3.21
N ASP A 425 25.13 -43.97 -4.24
CA ASP A 425 26.56 -43.78 -4.07
C ASP A 425 26.90 -42.30 -4.23
N GLU A 426 28.18 -41.96 -4.07
CA GLU A 426 28.60 -40.57 -4.15
C GLU A 426 28.44 -40.03 -5.56
N GLY A 427 28.05 -38.76 -5.65
CA GLY A 427 27.93 -38.10 -6.94
C GLY A 427 27.51 -36.66 -6.74
N VAL A 428 27.25 -36.00 -7.86
CA VAL A 428 26.79 -34.61 -7.85
C VAL A 428 25.28 -34.62 -7.69
N THR A 429 24.78 -33.99 -6.63
CA THR A 429 23.38 -34.07 -6.24
C THR A 429 22.61 -32.88 -6.77
N PHE A 430 21.48 -33.17 -7.43
CA PHE A 430 20.52 -32.16 -7.88
C PHE A 430 19.18 -32.46 -7.23
N MET A 431 18.63 -31.47 -6.53
CA MET A 431 17.40 -31.63 -5.76
C MET A 431 16.33 -30.69 -6.28
N PHE A 432 15.09 -31.19 -6.32
CA PHE A 432 13.93 -30.36 -6.58
C PHE A 432 12.82 -30.75 -5.62
N ILE A 433 12.17 -29.75 -5.03
CA ILE A 433 11.02 -29.94 -4.17
C ILE A 433 9.93 -28.96 -4.57
N GLY A 434 8.71 -29.46 -4.73
CA GLY A 434 7.60 -28.63 -5.13
C GLY A 434 6.41 -29.48 -5.49
N ARG A 435 5.29 -28.79 -5.70
CA ARG A 435 4.05 -29.48 -6.02
C ARG A 435 4.07 -29.97 -7.46
N PHE A 436 3.46 -31.15 -7.69
CA PHE A 436 3.40 -31.76 -9.01
C PHE A 436 2.24 -31.13 -9.78
N ASP A 437 2.44 -29.87 -10.17
CA ASP A 437 1.46 -29.08 -10.90
C ASP A 437 1.88 -28.98 -12.37
N ARG A 438 0.99 -28.42 -13.18
CA ARG A 438 1.24 -28.16 -14.59
C ARG A 438 0.97 -26.68 -14.86
N GLY A 439 1.90 -26.01 -15.52
CA GLY A 439 1.76 -24.61 -15.85
C GLY A 439 2.24 -23.65 -14.79
N GLN A 440 2.54 -24.14 -13.58
CA GLN A 440 3.06 -23.33 -12.48
C GLN A 440 4.46 -23.74 -12.06
N LYS A 441 4.71 -25.04 -11.90
CA LYS A 441 6.03 -25.59 -11.65
C LYS A 441 6.35 -26.61 -12.73
N GLY A 442 7.55 -26.49 -13.31
CA GLY A 442 7.92 -27.33 -14.43
C GLY A 442 8.37 -28.72 -14.04
N VAL A 443 7.51 -29.47 -13.37
CA VAL A 443 7.83 -30.86 -13.06
C VAL A 443 7.90 -31.67 -14.34
N ASP A 444 6.96 -31.44 -15.26
CA ASP A 444 7.03 -32.09 -16.57
C ASP A 444 8.30 -31.68 -17.31
N VAL A 445 8.71 -30.42 -17.20
CA VAL A 445 9.94 -29.98 -17.84
C VAL A 445 11.14 -30.68 -17.20
N LEU A 446 11.18 -30.74 -15.86
CA LEU A 446 12.29 -31.39 -15.19
C LEU A 446 12.35 -32.87 -15.52
N LEU A 447 11.19 -33.54 -15.49
CA LEU A 447 11.17 -34.97 -15.80
C LEU A 447 11.60 -35.24 -17.25
N LYS A 448 11.14 -34.40 -18.18
CA LYS A 448 11.55 -34.56 -19.56
C LYS A 448 13.03 -34.29 -19.74
N ALA A 449 13.58 -33.34 -18.98
CA ALA A 449 15.01 -33.05 -19.07
C ALA A 449 15.85 -34.25 -18.66
N ILE A 450 15.39 -35.01 -17.65
CA ILE A 450 16.11 -36.21 -17.24
C ILE A 450 16.11 -37.24 -18.37
N GLU A 451 14.98 -37.39 -19.07
CA GLU A 451 14.93 -38.30 -20.20
C GLU A 451 15.93 -37.90 -21.27
N ILE A 452 16.03 -36.61 -21.57
CA ILE A 452 17.04 -36.13 -22.49
C ILE A 452 18.42 -36.33 -21.91
N LEU A 453 18.59 -36.00 -20.62
CA LEU A 453 19.89 -36.12 -19.98
C LEU A 453 20.34 -37.57 -19.88
N SER A 454 19.41 -38.52 -19.92
CA SER A 454 19.77 -39.94 -19.78
C SER A 454 20.68 -40.43 -20.89
N SER A 455 20.71 -39.75 -22.04
CA SER A 455 21.53 -40.19 -23.16
C SER A 455 23.00 -39.81 -23.02
N LYS A 456 23.37 -38.97 -22.06
CA LYS A 456 24.74 -38.50 -21.92
C LYS A 456 25.55 -39.45 -21.06
N LYS A 457 26.85 -39.56 -21.38
CA LYS A 457 27.75 -40.39 -20.59
C LYS A 457 27.96 -39.83 -19.18
N GLU A 458 27.74 -38.53 -18.99
CA GLU A 458 27.87 -37.92 -17.66
C GLU A 458 26.70 -38.26 -16.75
N PHE A 459 25.65 -38.89 -17.27
CA PHE A 459 24.45 -39.14 -16.49
C PHE A 459 24.75 -39.98 -15.25
N GLN A 460 25.65 -40.94 -15.37
CA GLN A 460 26.01 -41.80 -14.24
C GLN A 460 26.87 -41.10 -13.20
N GLU A 461 27.36 -39.89 -13.48
CA GLU A 461 28.14 -39.12 -12.52
C GLU A 461 27.28 -38.25 -11.61
N MET A 462 25.97 -38.19 -11.83
CA MET A 462 25.08 -37.29 -11.13
C MET A 462 24.05 -38.07 -10.33
N ARG A 463 23.54 -37.43 -9.29
CA ARG A 463 22.52 -37.98 -8.41
C ARG A 463 21.36 -37.00 -8.35
N PHE A 464 20.14 -37.54 -8.29
CA PHE A 464 18.92 -36.74 -8.35
C PHE A 464 17.98 -37.13 -7.23
N ILE A 465 17.17 -36.16 -6.81
CA ILE A 465 16.10 -36.40 -5.83
C ILE A 465 14.96 -35.45 -6.12
N ILE A 466 13.74 -35.98 -6.14
CA ILE A 466 12.52 -35.20 -6.40
C ILE A 466 11.55 -35.46 -5.26
N ILE A 467 11.01 -34.38 -4.69
CA ILE A 467 10.12 -34.42 -3.55
C ILE A 467 8.84 -33.67 -3.91
N GLY A 468 7.69 -34.32 -3.71
CA GLY A 468 6.42 -33.66 -3.89
C GLY A 468 5.34 -34.64 -4.33
N LYS A 469 4.12 -34.13 -4.36
CA LYS A 469 2.96 -34.90 -4.78
C LYS A 469 1.97 -33.96 -5.45
N GLY A 470 0.94 -34.54 -6.06
CA GLY A 470 0.03 -33.78 -6.88
C GLY A 470 -0.64 -34.62 -7.95
N ASP A 471 -0.50 -34.22 -9.21
CA ASP A 471 -1.14 -34.92 -10.30
C ASP A 471 -0.65 -36.38 -10.34
N PRO A 472 -1.55 -37.37 -10.38
CA PRO A 472 -1.09 -38.77 -10.31
C PRO A 472 -0.28 -39.20 -11.52
N GLU A 473 -0.43 -38.52 -12.66
CA GLU A 473 0.33 -38.92 -13.85
C GLU A 473 1.79 -38.50 -13.72
N LEU A 474 2.04 -37.33 -13.14
CA LEU A 474 3.43 -36.95 -12.85
C LEU A 474 4.04 -37.91 -11.83
N GLU A 475 3.25 -38.31 -10.83
CA GLU A 475 3.73 -39.26 -9.83
C GLU A 475 4.07 -40.60 -10.47
N GLY A 476 3.20 -41.09 -11.35
CA GLY A 476 3.51 -42.32 -12.07
C GLY A 476 4.71 -42.16 -12.97
N TRP A 477 4.82 -41.01 -13.64
CA TRP A 477 5.96 -40.76 -14.51
C TRP A 477 7.26 -40.75 -13.71
N ALA A 478 7.25 -40.08 -12.56
CA ALA A 478 8.46 -40.01 -11.74
C ALA A 478 8.86 -41.39 -11.23
N ARG A 479 7.90 -42.19 -10.76
CA ARG A 479 8.23 -43.50 -10.23
C ARG A 479 8.74 -44.43 -11.31
N SER A 480 8.19 -44.31 -12.53
CA SER A 480 8.67 -45.13 -13.64
C SER A 480 10.13 -44.85 -13.94
N LEU A 481 10.51 -43.57 -13.96
CA LEU A 481 11.91 -43.22 -14.17
C LEU A 481 12.78 -43.68 -13.01
N GLU A 482 12.22 -43.73 -11.79
CA GLU A 482 12.98 -44.20 -10.64
C GLU A 482 13.46 -45.62 -10.83
N GLU A 483 12.58 -46.50 -11.33
CA GLU A 483 12.97 -47.88 -11.58
C GLU A 483 13.82 -48.00 -12.84
N LYS A 484 13.49 -47.23 -13.88
CA LYS A 484 14.24 -47.32 -15.12
C LYS A 484 15.68 -46.87 -14.94
N HIS A 485 15.89 -45.81 -14.17
CA HIS A 485 17.22 -45.25 -13.90
C HIS A 485 17.40 -45.22 -12.38
N GLY A 486 18.16 -46.17 -11.86
CA GLY A 486 18.35 -46.29 -10.42
C GLY A 486 19.41 -45.37 -9.86
N ASN A 487 19.36 -44.09 -10.21
CA ASN A 487 20.20 -43.06 -9.61
C ASN A 487 19.41 -41.85 -9.15
N VAL A 488 18.09 -41.99 -9.00
CA VAL A 488 17.22 -40.90 -8.58
C VAL A 488 16.29 -41.41 -7.49
N LYS A 489 16.02 -40.57 -6.49
CA LYS A 489 15.11 -40.87 -5.41
C LYS A 489 13.82 -40.08 -5.60
N VAL A 490 12.68 -40.75 -5.41
CA VAL A 490 11.36 -40.14 -5.54
C VAL A 490 10.67 -40.23 -4.18
N ILE A 491 10.25 -39.09 -3.67
CA ILE A 491 9.53 -38.99 -2.39
C ILE A 491 8.21 -38.29 -2.65
N THR A 492 7.12 -38.91 -2.23
CA THR A 492 5.77 -38.38 -2.42
C THR A 492 5.03 -38.15 -1.11
N GLU A 493 5.65 -38.39 0.04
CA GLU A 493 5.00 -38.26 1.32
C GLU A 493 5.27 -36.87 1.89
N MET A 494 4.67 -36.59 3.04
CA MET A 494 4.92 -35.33 3.74
C MET A 494 6.28 -35.41 4.43
N LEU A 495 7.17 -34.49 4.10
CA LEU A 495 8.53 -34.47 4.63
C LEU A 495 8.65 -33.39 5.70
N SER A 496 9.29 -33.75 6.81
CA SER A 496 9.41 -32.83 7.93
C SER A 496 10.34 -31.67 7.58
N ARG A 497 10.14 -30.56 8.28
CA ARG A 497 11.00 -29.40 8.08
C ARG A 497 12.43 -29.69 8.50
N GLU A 498 12.60 -30.52 9.53
CA GLU A 498 13.94 -30.86 10.00
C GLU A 498 14.72 -31.60 8.92
N PHE A 499 14.07 -32.54 8.23
CA PHE A 499 14.73 -33.24 7.14
C PHE A 499 15.09 -32.28 6.01
N VAL A 500 14.17 -31.37 5.67
CA VAL A 500 14.40 -30.44 4.57
C VAL A 500 15.60 -29.56 4.86
N ARG A 501 15.72 -29.07 6.09
CA ARG A 501 16.82 -28.20 6.47
C ARG A 501 18.17 -28.87 6.24
N GLU A 502 18.30 -30.12 6.68
CA GLU A 502 19.54 -30.85 6.45
C GLU A 502 19.76 -31.10 4.96
N LEU A 503 18.68 -31.42 4.24
CA LEU A 503 18.80 -31.71 2.81
C LEU A 503 19.27 -30.48 2.04
N TYR A 504 18.71 -29.32 2.36
CA TYR A 504 19.11 -28.09 1.67
C TYR A 504 20.58 -27.77 1.91
N GLY A 505 21.06 -28.00 3.12
CA GLY A 505 22.42 -27.68 3.46
C GLY A 505 23.47 -28.67 3.01
N SER A 506 23.06 -29.77 2.38
CA SER A 506 23.97 -30.81 1.91
C SER A 506 24.02 -30.91 0.39
N VAL A 507 22.91 -30.68 -0.29
CA VAL A 507 22.84 -30.88 -1.74
C VAL A 507 23.67 -29.81 -2.45
N ASP A 508 24.27 -30.20 -3.57
CA ASP A 508 25.10 -29.26 -4.33
C ASP A 508 24.23 -28.20 -5.01
N PHE A 509 23.18 -28.61 -5.72
CA PHE A 509 22.37 -27.72 -6.54
C PHE A 509 20.90 -27.96 -6.31
N VAL A 510 20.12 -26.87 -6.40
CA VAL A 510 18.67 -26.92 -6.25
C VAL A 510 18.06 -26.39 -7.55
N ILE A 511 17.05 -27.10 -8.04
CA ILE A 511 16.41 -26.81 -9.32
C ILE A 511 15.05 -26.20 -9.05
N ILE A 512 14.76 -25.07 -9.70
CA ILE A 512 13.49 -24.35 -9.54
C ILE A 512 12.93 -24.13 -10.95
N PRO A 513 12.33 -25.15 -11.58
CA PRO A 513 11.87 -24.99 -12.97
C PRO A 513 10.46 -24.42 -13.04
N SER A 514 10.28 -23.24 -12.44
CA SER A 514 8.96 -22.64 -12.37
C SER A 514 8.57 -22.03 -13.71
N TYR A 515 7.25 -21.95 -13.92
CA TYR A 515 6.68 -21.14 -14.99
C TYR A 515 6.36 -19.73 -14.55
N PHE A 516 5.99 -19.56 -13.28
CA PHE A 516 5.77 -18.26 -12.68
C PHE A 516 6.27 -18.28 -11.24
N GLU A 517 6.87 -17.18 -10.81
CA GLU A 517 7.32 -16.99 -9.44
C GLU A 517 7.02 -15.55 -9.02
N PRO A 518 6.27 -15.30 -7.93
CA PRO A 518 5.98 -13.90 -7.57
C PRO A 518 7.20 -13.01 -7.40
N PHE A 519 8.04 -13.23 -6.38
CA PHE A 519 9.32 -12.54 -6.31
C PHE A 519 10.43 -13.40 -5.71
N GLY A 520 10.23 -14.70 -5.59
CA GLY A 520 11.33 -15.61 -5.37
C GLY A 520 11.73 -15.87 -3.94
N LEU A 521 10.83 -15.67 -2.96
CA LEU A 521 11.18 -15.95 -1.58
C LEU A 521 11.56 -17.40 -1.37
N VAL A 522 10.92 -18.32 -2.11
CA VAL A 522 11.18 -19.74 -1.93
C VAL A 522 12.61 -20.10 -2.30
N ALA A 523 13.26 -19.34 -3.17
CA ALA A 523 14.65 -19.60 -3.53
C ALA A 523 15.64 -19.09 -2.49
N LEU A 524 15.21 -18.25 -1.55
CA LEU A 524 16.14 -17.66 -0.60
C LEU A 524 16.57 -18.63 0.49
N GLU A 525 15.71 -19.56 0.89
CA GLU A 525 16.11 -20.51 1.92
C GLU A 525 17.24 -21.40 1.43
N ALA A 526 17.14 -21.88 0.19
CA ALA A 526 18.21 -22.69 -0.38
C ALA A 526 19.52 -21.91 -0.46
N MET A 527 19.44 -20.63 -0.85
CA MET A 527 20.64 -19.81 -0.90
C MET A 527 21.21 -19.60 0.51
N CYS A 528 20.34 -19.44 1.51
CA CYS A 528 20.81 -19.29 2.88
C CYS A 528 21.58 -20.50 3.36
N LEU A 529 21.27 -21.70 2.85
CA LEU A 529 21.92 -22.93 3.27
C LEU A 529 23.08 -23.33 2.37
N GLY A 530 23.50 -22.48 1.45
CA GLY A 530 24.66 -22.75 0.63
C GLY A 530 24.40 -23.51 -0.64
N ALA A 531 23.15 -23.67 -1.03
CA ALA A 531 22.82 -24.33 -2.29
C ALA A 531 22.96 -23.35 -3.45
N ILE A 532 23.41 -23.85 -4.59
CA ILE A 532 23.60 -23.05 -5.79
C ILE A 532 22.37 -23.27 -6.68
N PRO A 533 21.51 -22.28 -6.89
CA PRO A 533 20.26 -22.56 -7.58
C PRO A 533 20.38 -22.52 -9.10
N ILE A 534 19.53 -23.32 -9.74
CA ILE A 534 19.30 -23.27 -11.17
C ILE A 534 17.80 -23.10 -11.34
N ALA A 535 17.39 -22.02 -12.00
CA ALA A 535 15.99 -21.63 -12.00
C ALA A 535 15.58 -21.06 -13.35
N SER A 536 14.29 -21.10 -13.62
CA SER A 536 13.73 -20.47 -14.80
C SER A 536 13.83 -18.95 -14.67
N ALA A 537 14.08 -18.28 -15.79
CA ALA A 537 14.14 -16.82 -15.82
C ALA A 537 12.72 -16.27 -15.99
N VAL A 538 11.95 -16.38 -14.91
CA VAL A 538 10.55 -15.97 -14.90
C VAL A 538 10.28 -15.14 -13.65
N GLY A 539 9.27 -14.28 -13.75
CA GLY A 539 8.83 -13.50 -12.62
C GLY A 539 9.93 -12.61 -12.07
N GLY A 540 9.89 -12.38 -10.77
CA GLY A 540 10.88 -11.58 -10.07
C GLY A 540 12.09 -12.33 -9.61
N LEU A 541 12.18 -13.63 -9.90
CA LEU A 541 13.33 -14.41 -9.51
C LEU A 541 14.57 -14.07 -10.33
N ARG A 542 14.39 -13.49 -11.52
CA ARG A 542 15.53 -13.05 -12.32
C ARG A 542 16.35 -11.97 -11.62
N ASP A 543 15.74 -11.23 -10.69
CA ASP A 543 16.44 -10.18 -9.97
C ASP A 543 17.32 -10.69 -8.84
N ILE A 544 17.15 -11.94 -8.43
CA ILE A 544 17.93 -12.52 -7.34
C ILE A 544 19.14 -13.27 -7.86
N ILE A 545 18.96 -14.10 -8.88
CA ILE A 545 20.03 -14.95 -9.39
C ILE A 545 20.83 -14.17 -10.43
N THR A 546 22.15 -14.16 -10.26
CA THR A 546 23.08 -13.50 -11.16
C THR A 546 24.11 -14.52 -11.64
N ASN A 547 24.98 -14.06 -12.54
CA ASN A 547 26.00 -14.94 -13.11
C ASN A 547 26.92 -15.49 -12.03
N GLU A 548 27.23 -14.69 -11.02
CA GLU A 548 28.13 -15.10 -9.94
C GLU A 548 27.41 -15.85 -8.83
N THR A 549 26.11 -16.12 -8.97
CA THR A 549 25.32 -16.79 -7.96
C THR A 549 24.67 -18.08 -8.46
N GLY A 550 24.27 -18.13 -9.72
CA GLY A 550 23.60 -19.31 -10.22
C GLY A 550 23.38 -19.22 -11.72
N ILE A 551 22.56 -20.15 -12.22
CA ILE A 551 22.28 -20.28 -13.64
C ILE A 551 20.79 -20.02 -13.86
N LEU A 552 20.48 -19.20 -14.87
CA LEU A 552 19.11 -18.94 -15.29
C LEU A 552 18.88 -19.56 -16.66
N VAL A 553 17.68 -20.11 -16.87
CA VAL A 553 17.32 -20.78 -18.10
C VAL A 553 15.93 -20.32 -18.55
N LYS A 554 15.66 -20.50 -19.84
CA LYS A 554 14.34 -20.19 -20.38
C LYS A 554 13.32 -21.21 -19.90
N ALA A 555 12.16 -20.74 -19.49
CA ALA A 555 11.11 -21.63 -19.03
C ALA A 555 10.57 -22.46 -20.19
N GLY A 556 10.23 -23.71 -19.90
CA GLY A 556 9.62 -24.60 -20.87
C GLY A 556 10.59 -25.34 -21.77
N ASP A 557 11.90 -25.07 -21.66
CA ASP A 557 12.89 -25.66 -22.53
C ASP A 557 13.62 -26.77 -21.77
N PRO A 558 13.19 -28.04 -21.85
CA PRO A 558 13.95 -29.09 -21.16
C PRO A 558 15.33 -29.31 -21.75
N GLY A 559 15.53 -29.00 -23.03
CA GLY A 559 16.87 -29.13 -23.59
C GLY A 559 17.84 -28.14 -22.98
N GLU A 560 17.43 -26.88 -22.87
CA GLU A 560 18.28 -25.87 -22.24
C GLU A 560 18.54 -26.20 -20.79
N LEU A 561 17.52 -26.71 -20.09
CA LEU A 561 17.70 -27.10 -18.70
C LEU A 561 18.75 -28.18 -18.57
N ALA A 562 18.71 -29.18 -19.46
CA ALA A 562 19.73 -30.22 -19.44
C ALA A 562 21.11 -29.63 -19.70
N ASN A 563 21.20 -28.66 -20.61
CA ASN A 563 22.48 -28.01 -20.86
C ASN A 563 22.98 -27.28 -19.62
N ALA A 564 22.05 -26.67 -18.87
CA ALA A 564 22.45 -26.01 -17.62
C ALA A 564 22.98 -27.02 -16.62
N ILE A 565 22.39 -28.22 -16.57
CA ILE A 565 22.92 -29.27 -15.71
C ILE A 565 24.33 -29.65 -16.14
N LEU A 566 24.56 -29.76 -17.45
CA LEU A 566 25.90 -30.03 -17.94
C LEU A 566 26.85 -28.90 -17.56
N LYS A 567 26.36 -27.66 -17.58
CA LYS A 567 27.17 -26.55 -17.11
C LYS A 567 27.46 -26.67 -15.62
N ALA A 568 26.50 -27.16 -14.85
CA ALA A 568 26.73 -27.36 -13.42
C ALA A 568 27.85 -28.36 -13.18
N LEU A 569 27.94 -29.40 -14.03
CA LEU A 569 29.03 -30.35 -13.89
C LEU A 569 30.39 -29.68 -14.11
N GLU A 570 30.47 -28.77 -15.08
CA GLU A 570 31.71 -28.04 -15.31
C GLU A 570 32.12 -27.25 -14.08
N LEU A 571 31.15 -26.61 -13.41
CA LEU A 571 31.45 -25.87 -12.19
C LEU A 571 31.79 -26.84 -11.05
N SER A 572 31.09 -27.97 -10.97
CA SER A 572 31.27 -28.88 -9.84
C SER A 572 32.66 -29.51 -9.83
N ARG A 573 33.30 -29.64 -10.99
CA ARG A 573 34.66 -30.16 -11.03
C ARG A 573 35.70 -29.16 -10.53
N SER A 574 35.29 -27.91 -10.24
CA SER A 574 36.15 -26.88 -9.70
C SER A 574 35.63 -26.49 -8.31
N ASP A 575 36.22 -25.45 -7.72
CA ASP A 575 35.93 -25.06 -6.36
C ASP A 575 34.69 -24.17 -6.35
N LEU A 576 33.62 -24.67 -5.74
CA LEU A 576 32.34 -23.98 -5.68
C LEU A 576 32.20 -23.07 -4.46
N SER A 577 33.26 -22.89 -3.67
CA SER A 577 33.16 -22.15 -2.42
C SER A 577 32.71 -20.72 -2.65
N LYS A 578 33.20 -20.08 -3.72
CA LYS A 578 32.81 -18.70 -3.98
C LYS A 578 31.32 -18.59 -4.27
N PHE A 579 30.77 -19.55 -5.01
CA PHE A 579 29.34 -19.51 -5.31
C PHE A 579 28.50 -19.66 -4.05
N ARG A 580 28.88 -20.58 -3.16
CA ARG A 580 28.12 -20.76 -1.93
C ARG A 580 28.21 -19.53 -1.04
N GLU A 581 29.39 -18.92 -0.96
CA GLU A 581 29.54 -17.70 -0.17
C GLU A 581 28.69 -16.57 -0.73
N ASN A 582 28.66 -16.44 -2.05
CA ASN A 582 27.84 -15.39 -2.67
C ASN A 582 26.35 -15.63 -2.42
N CYS A 583 25.93 -16.91 -2.42
CA CYS A 583 24.53 -17.21 -2.20
C CYS A 583 24.06 -16.75 -0.82
N LYS A 584 24.85 -17.03 0.21
CA LYS A 584 24.46 -16.64 1.56
C LYS A 584 24.49 -15.12 1.72
N LYS A 585 25.54 -14.47 1.21
CA LYS A 585 25.66 -13.02 1.38
C LYS A 585 24.56 -12.29 0.64
N ARG A 586 24.23 -12.73 -0.57
CA ARG A 586 23.21 -12.02 -1.35
C ARG A 586 21.83 -12.20 -0.75
N ALA A 587 21.50 -13.41 -0.31
CA ALA A 587 20.15 -13.70 0.16
C ALA A 587 19.77 -12.85 1.36
N MET A 588 20.72 -12.58 2.25
CA MET A 588 20.47 -11.85 3.48
C MET A 588 20.85 -10.37 3.38
N SER A 589 20.85 -9.80 2.17
CA SER A 589 21.26 -8.41 1.98
C SER A 589 20.37 -7.74 0.93
N PHE A 590 20.47 -6.41 0.89
CA PHE A 590 19.87 -5.59 -0.15
C PHE A 590 20.81 -4.40 -0.35
N SER A 591 20.62 -3.67 -1.47
CA SER A 591 21.54 -2.64 -1.89
C SER A 591 21.26 -1.27 -1.28
N ASP A 592 20.30 -1.17 -0.35
CA ASP A 592 19.99 0.11 0.29
C ASP A 592 20.87 0.33 1.52
N GLN A 593 22.19 0.22 1.34
CA GLN A 593 23.14 0.39 2.44
C GLN A 593 23.47 1.87 2.65
N ALA A 594 22.40 2.66 2.84
CA ALA A 594 22.60 4.02 3.33
C ALA A 594 23.06 3.99 4.77
N ARG A 595 22.53 3.05 5.55
CA ARG A 595 22.96 2.84 6.94
C ARG A 595 22.95 1.36 7.28
N MET A 596 23.66 0.54 6.49
CA MET A 596 23.86 -0.86 6.85
C MET A 596 22.55 -1.63 6.95
N ASP A 597 21.98 -2.02 5.80
CA ASP A 597 20.64 -2.64 5.73
C ASP A 597 20.53 -3.81 6.72
N ILE A 598 20.36 -3.42 7.99
CA ILE A 598 20.25 -4.37 9.10
C ILE A 598 18.85 -4.21 9.70
N ARG A 599 18.58 -4.90 10.80
CA ARG A 599 17.26 -4.88 11.41
C ARG A 599 16.84 -3.48 11.85
N LEU A 600 17.79 -2.57 12.05
CA LEU A 600 17.49 -1.19 12.40
C LEU A 600 17.37 -0.30 11.17
N ALA A 601 17.54 -0.85 9.96
CA ALA A 601 17.49 -0.06 8.73
C ALA A 601 16.37 -0.52 7.81
N LYS A 602 16.36 -1.80 7.44
CA LYS A 602 15.44 -2.26 6.40
C LYS A 602 14.06 -2.62 6.93
N ASN A 603 13.87 -2.74 8.24
CA ASN A 603 12.54 -2.94 8.78
C ASN A 603 11.63 -1.74 8.55
N GLU A 604 12.20 -0.57 8.24
CA GLU A 604 11.40 0.61 7.98
C GLU A 604 10.42 0.39 6.84
N THR A 605 10.87 -0.26 5.76
CA THR A 605 10.06 -0.44 4.56
C THR A 605 9.38 -1.79 4.50
N MET A 606 9.42 -2.58 5.57
CA MET A 606 8.71 -3.84 5.66
C MET A 606 7.70 -3.86 6.80
N LEU A 607 8.10 -3.41 7.99
CA LEU A 607 7.24 -3.41 9.16
C LEU A 607 6.63 -2.04 9.47
N ARG A 608 7.47 -1.01 9.61
CA ARG A 608 6.96 0.30 9.99
C ARG A 608 6.03 0.86 8.92
N LEU A 609 6.38 0.68 7.65
CA LEU A 609 5.48 1.08 6.57
C LEU A 609 4.15 0.35 6.67
N GLY A 610 4.18 -0.93 7.02
CA GLY A 610 2.95 -1.70 7.12
C GLY A 610 2.00 -1.16 8.18
N ILE A 611 2.56 -0.69 9.30
CA ILE A 611 1.72 -0.18 10.38
C ILE A 611 0.94 1.04 9.91
N PHE A 612 1.63 1.98 9.27
CA PHE A 612 0.97 3.20 8.82
C PHE A 612 -0.01 2.92 7.70
N GLY A 613 0.25 1.90 6.89
CA GLY A 613 -0.70 1.54 5.85
C GLY A 613 -2.06 1.19 6.41
N PHE A 614 -2.08 0.34 7.44
CA PHE A 614 -3.34 -0.01 8.08
C PHE A 614 -3.87 1.15 8.93
N LEU A 615 -2.97 1.93 9.53
CA LEU A 615 -3.41 3.04 10.37
C LEU A 615 -4.16 4.08 9.56
N ALA A 616 -3.63 4.43 8.39
CA ALA A 616 -4.33 5.36 7.49
C ALA A 616 -5.63 4.75 7.01
N PHE A 617 -5.64 3.44 6.74
CA PHE A 617 -6.83 2.77 6.25
C PHE A 617 -7.99 2.91 7.23
N GLY A 618 -7.71 2.74 8.51
CA GLY A 618 -8.74 2.85 9.53
C GLY A 618 -9.48 4.17 9.53
N PHE A 619 -8.74 5.27 9.54
CA PHE A 619 -9.37 6.59 9.55
C PHE A 619 -10.18 6.82 8.28
N VAL A 620 -9.64 6.43 7.13
CA VAL A 620 -10.34 6.64 5.87
C VAL A 620 -11.62 5.83 5.84
N LEU A 621 -11.61 4.64 6.44
CA LEU A 621 -12.84 3.87 6.55
C LEU A 621 -13.88 4.60 7.37
N ILE A 622 -13.46 5.24 8.47
CA ILE A 622 -14.41 5.99 9.30
C ILE A 622 -15.01 7.14 8.50
N THR A 623 -14.17 7.85 7.75
CA THR A 623 -14.66 8.96 6.94
C THR A 623 -15.68 8.47 5.92
N PHE A 624 -15.44 7.30 5.34
CA PHE A 624 -16.40 6.72 4.40
C PHE A 624 -17.74 6.47 5.09
N SER A 625 -17.70 5.93 6.31
CA SER A 625 -18.94 5.61 7.01
C SER A 625 -19.78 6.85 7.28
N CYS A 626 -19.13 7.94 7.72
CA CYS A 626 -19.86 9.17 8.02
C CYS A 626 -20.58 9.70 6.79
N HIS A 627 -19.86 9.79 5.67
CA HIS A 627 -20.48 10.25 4.44
C HIS A 627 -21.56 9.26 3.98
N PHE A 628 -21.32 7.98 4.17
CA PHE A 628 -22.32 6.98 3.80
C PHE A 628 -23.59 7.16 4.62
N TYR A 629 -23.45 7.38 5.93
CA TYR A 629 -24.62 7.59 6.79
C TYR A 629 -25.42 8.80 6.34
N ASP A 630 -24.74 9.92 6.10
CA ASP A 630 -25.43 11.14 5.71
C ASP A 630 -26.17 10.94 4.39
N PHE A 631 -25.51 10.29 3.42
CA PHE A 631 -26.13 10.07 2.12
C PHE A 631 -27.45 9.32 2.24
N PHE A 632 -27.49 8.31 3.12
CA PHE A 632 -28.71 7.55 3.32
C PHE A 632 -29.84 8.45 3.83
N ASN A 633 -29.53 9.33 4.78
CA ASN A 633 -30.53 10.17 5.45
C ASN A 633 -30.63 11.58 4.90
N GLN A 634 -29.80 11.96 3.92
CA GLN A 634 -29.84 13.34 3.43
C GLN A 634 -31.16 13.64 2.73
N ALA A 635 -31.74 12.65 2.06
CA ALA A 635 -32.97 12.88 1.30
C ALA A 635 -34.11 13.33 2.21
N GLU A 636 -34.24 12.71 3.37
CA GLU A 636 -35.31 13.10 4.29
C GLU A 636 -35.03 14.47 4.91
N TRP A 637 -33.77 14.75 5.23
CA TRP A 637 -33.44 16.05 5.81
C TRP A 637 -33.74 17.18 4.85
N GLU A 638 -33.54 16.95 3.55
CA GLU A 638 -33.91 17.95 2.55
C GLU A 638 -35.42 18.23 2.60
N ARG A 639 -36.22 17.17 2.68
CA ARG A 639 -37.66 17.34 2.78
C ARG A 639 -38.03 18.09 4.06
N SER A 640 -37.40 17.72 5.17
CA SER A 640 -37.68 18.40 6.44
C SER A 640 -37.31 19.88 6.36
N PHE A 641 -36.16 20.18 5.76
CA PHE A 641 -35.72 21.58 5.66
C PHE A 641 -36.70 22.41 4.85
N ARG A 642 -37.16 21.87 3.73
CA ARG A 642 -38.15 22.56 2.91
C ARG A 642 -39.41 22.86 3.71
N ASP A 643 -39.95 21.85 4.39
CA ASP A 643 -41.20 22.04 5.14
C ASP A 643 -41.03 23.05 6.27
N TYR A 644 -39.90 22.98 6.97
CA TYR A 644 -39.69 23.85 8.12
C TYR A 644 -39.63 25.32 7.70
N VAL A 645 -38.92 25.61 6.62
CA VAL A 645 -38.69 27.01 6.24
C VAL A 645 -39.99 27.69 5.83
N LEU A 646 -40.88 26.95 5.15
CA LEU A 646 -42.09 27.55 4.61
C LEU A 646 -42.99 28.13 5.71
N CYS A 647 -43.12 27.41 6.82
CA CYS A 647 -44.04 27.84 7.89
C CYS A 647 -43.52 29.02 8.70
N GLN A 648 -42.25 29.41 8.53
CA GLN A 648 -41.65 30.39 9.42
C GLN A 648 -42.29 31.77 9.30
N ALA A 649 -42.78 32.12 8.11
CA ALA A 649 -43.19 33.51 7.87
C ALA A 649 -44.34 33.93 8.77
N ASN A 650 -45.29 33.04 9.04
CA ASN A 650 -46.41 33.30 9.93
C ASN A 650 -47.20 34.54 9.49
N VAL A 651 -47.83 34.42 8.32
CA VAL A 651 -48.42 35.57 7.64
C VAL A 651 -49.89 35.75 8.02
N THR A 652 -50.33 35.09 9.10
CA THR A 652 -51.68 35.30 9.60
C THR A 652 -51.78 36.63 10.34
N ASP A 663 -47.50 26.24 15.55
CA ASP A 663 -46.06 26.46 15.70
C ASP A 663 -45.27 25.52 14.79
N CYS A 664 -44.13 26.00 14.32
CA CYS A 664 -43.25 25.21 13.46
C CYS A 664 -42.50 24.20 14.29
N GLU A 665 -42.24 23.03 13.69
CA GLU A 665 -41.43 21.99 14.31
C GLU A 665 -40.50 21.39 13.27
N ILE A 666 -39.36 20.89 13.74
CA ILE A 666 -38.35 20.26 12.90
C ILE A 666 -38.55 18.75 13.00
N LYS A 667 -38.91 18.12 11.89
CA LYS A 667 -39.06 16.67 11.89
C LYS A 667 -37.73 15.98 12.21
N ASN A 668 -36.65 16.45 11.60
CA ASN A 668 -35.31 15.89 11.82
C ASN A 668 -34.31 16.82 11.17
N ARG A 669 -33.03 16.55 11.43
CA ARG A 669 -31.96 17.39 10.91
C ARG A 669 -30.68 16.55 10.86
N PRO A 670 -29.65 17.03 10.15
CA PRO A 670 -28.36 16.34 10.22
C PRO A 670 -27.82 16.30 11.64
N SER A 671 -27.16 15.20 11.97
CA SER A 671 -26.64 14.97 13.32
C SER A 671 -25.26 15.61 13.43
N LEU A 672 -25.10 16.51 14.41
CA LEU A 672 -23.81 17.13 14.63
C LEU A 672 -22.76 16.12 15.09
N LEU A 673 -23.18 15.06 15.76
CA LEU A 673 -22.22 14.04 16.20
C LEU A 673 -21.52 13.41 15.01
N VAL A 674 -22.26 13.11 13.95
CA VAL A 674 -21.67 12.54 12.75
C VAL A 674 -20.67 13.52 12.14
N GLU A 675 -21.00 14.81 12.18
CA GLU A 675 -20.09 15.83 11.67
C GLU A 675 -18.77 15.83 12.44
N LYS A 676 -18.85 15.72 13.77
CA LYS A 676 -17.64 15.74 14.58
C LYS A 676 -16.75 14.52 14.30
N ILE A 677 -17.37 13.35 14.17
CA ILE A 677 -16.61 12.13 13.89
C ILE A 677 -15.94 12.23 12.53
N ASN A 678 -16.67 12.72 11.53
CA ASN A 678 -16.10 12.87 10.20
C ASN A 678 -14.89 13.79 10.22
N LEU A 679 -15.00 14.92 10.93
CA LEU A 679 -13.85 15.80 11.08
C LEU A 679 -12.72 15.11 11.82
N PHE A 680 -13.05 14.33 12.86
CA PHE A 680 -12.03 13.63 13.63
C PHE A 680 -11.22 12.69 12.74
N ALA A 681 -11.92 11.90 11.91
CA ALA A 681 -11.22 10.97 11.03
C ALA A 681 -10.37 11.71 10.01
N MET A 682 -10.91 12.77 9.42
CA MET A 682 -10.17 13.54 8.43
C MET A 682 -8.91 14.15 9.04
N PHE A 683 -9.07 14.88 10.15
CA PHE A 683 -7.91 15.42 10.83
C PHE A 683 -7.06 14.31 11.45
N GLY A 684 -7.70 13.24 11.90
CA GLY A 684 -6.96 12.14 12.51
C GLY A 684 -5.94 11.53 11.57
N THR A 685 -6.29 11.40 10.29
CA THR A 685 -5.36 10.84 9.32
C THR A 685 -4.11 11.69 9.21
N GLY A 686 -4.28 13.00 9.08
CA GLY A 686 -3.13 13.89 9.01
C GLY A 686 -2.28 13.82 10.26
N ILE A 687 -2.93 13.82 11.42
CA ILE A 687 -2.19 13.71 12.68
C ILE A 687 -1.52 12.35 12.78
N ALA A 688 -2.24 11.29 12.41
CA ALA A 688 -1.70 9.93 12.54
C ALA A 688 -0.46 9.74 11.68
N MET A 689 -0.48 10.28 10.45
CA MET A 689 0.68 10.13 9.58
C MET A 689 1.84 11.05 9.95
N SER A 690 1.64 11.96 10.90
CA SER A 690 2.71 12.86 11.31
C SER A 690 3.71 12.23 12.26
N THR A 691 3.45 11.00 12.73
CA THR A 691 4.34 10.32 13.67
C THR A 691 5.43 9.52 12.97
N TRP A 692 5.49 9.54 11.64
CA TRP A 692 6.49 8.76 10.91
C TRP A 692 7.91 9.12 11.34
N VAL A 693 8.14 10.39 11.67
CA VAL A 693 9.48 10.87 12.03
C VAL A 693 9.70 10.89 13.54
N TRP A 694 8.83 10.24 14.31
CA TRP A 694 8.95 10.21 15.76
C TRP A 694 9.86 9.04 16.17
N THR A 695 11.16 9.26 15.94
CA THR A 695 12.20 8.29 16.28
C THR A 695 13.38 9.02 16.89
N LYS A 696 14.37 8.25 17.34
CA LYS A 696 15.54 8.85 17.98
C LYS A 696 16.46 9.49 16.94
N ALA A 697 16.56 8.91 15.74
CA ALA A 697 17.48 9.43 14.73
C ALA A 697 17.11 10.85 14.33
N THR A 698 15.82 11.11 14.17
CA THR A 698 15.39 12.44 13.75
C THR A 698 15.68 13.48 14.82
N LEU A 699 15.60 13.09 16.10
CA LEU A 699 15.96 14.01 17.18
C LEU A 699 17.42 14.42 17.07
N LEU A 700 18.30 13.47 16.75
CA LEU A 700 19.71 13.78 16.58
C LEU A 700 19.92 14.74 15.42
N ILE A 701 19.18 14.54 14.33
CA ILE A 701 19.29 15.44 13.18
C ILE A 701 18.86 16.85 13.59
N TRP A 702 17.73 16.95 14.29
CA TRP A 702 17.28 18.25 14.77
C TRP A 702 18.27 18.83 15.77
N ARG A 703 18.84 17.98 16.63
CA ARG A 703 19.82 18.46 17.60
C ARG A 703 21.02 19.08 16.90
N ARG A 704 21.52 18.43 15.85
CA ARG A 704 22.62 19.01 15.09
C ARG A 704 22.15 20.13 14.17
N THR A 705 20.91 20.06 13.69
CA THR A 705 20.39 21.16 12.88
C THR A 705 20.34 22.44 13.69
N TRP A 706 19.92 22.36 14.96
CA TRP A 706 19.93 23.53 15.83
C TRP A 706 21.34 24.05 16.06
N CYS A 707 22.36 23.21 15.92
CA CYS A 707 23.75 23.62 16.14
C CYS A 707 24.31 24.45 15.00
N ARG A 708 23.55 24.71 13.95
CA ARG A 708 23.85 25.77 12.99
C ARG A 708 23.34 27.08 13.61
N LEU A 709 24.26 27.88 14.13
CA LEU A 709 23.89 28.96 15.04
C LEU A 709 24.99 30.00 15.10
#